data_6Z45
#
_entry.id   6Z45
#
_cell.length_a   171.760
_cell.length_b   171.760
_cell.length_c   97.790
_cell.angle_alpha   90.000
_cell.angle_beta   90.000
_cell.angle_gamma   120.000
#
_symmetry.space_group_name_H-M   'H 3'
#
loop_
_entity.id
_entity.type
_entity.pdbx_description
1 polymer 'Cyclin-dependent kinase 9'
2 polymer Cyclin-T1
3 non-polymer (1~{S},3~{R})-3-acetamido-~{N}-[5-chloranyl-4-(5,5-dimethyl-4,6-dihydropyrrolo[1,2-b]pyrazol-3-yl)pyridin-2-yl]cyclohexane-1-carboxamide
4 non-polymer 2-AMINO-2-HYDROXYMETHYL-PROPANE-1,3-DIOL
5 non-polymer 'PHOSPHATE ION'
#
loop_
_entity_poly.entity_id
_entity_poly.type
_entity_poly.pdbx_seq_one_letter_code
_entity_poly.pdbx_strand_id
1 'polypeptide(L)'
;MAKQYDDNECPFCDEVSKYEKLAKIGQGTFGEVFKARHRKTGQRVALKKVLMENEKEGFPITALREIKILQLLKHENVVN
LIEICRTKASPYNRCKGSIYLVFDFCEHDLAGLLSNVLVKFTLSEIKRVMQMLLNGLFYIHRNKILHRDMKAANVLITRD
GVLKLADFGLARAFSLAKNSNPNRY(TPO)NRVVTLWYRPPELLLGERDYGPPIDLWGAGCIMAEMWTRSPIMQGNTEQH
QLALISQLCGSITPEVWPNVDNYELYEKLELVKGQKRKVKDRLAAYVRDPYALDLIDKLLVLDPAQRIDSEDALEHDFFW
SDPMPSDLKGMLST
;
A
2 'polypeptide(L)'
;EGERKNNNKRWYFTREQLENSPSRAFGVDPDKELSYRQQAANLLQDMGQRLNVSQLTINTAIVYMHRFYMIQSFTRFPGN
SVAPAALFLAAKVEGQPKKLEHVIRVAHTCLHPQESLPDTRSEAYLQQVQDLVILESIILQTLGFELTIDHPHTHVVKCT
QLVRASKDLAQTSYFMATNSLHLTTFSLQYTPPVVACVCIHLACKWSNWEIPVSTDGKHWWEYVDATVTLELLDELTHEL
LQILEKTPNRLKRIWNWR
;
B
#
loop_
_chem_comp.id
_chem_comp.type
_chem_comp.name
_chem_comp.formula
PO4 non-polymer 'PHOSPHATE ION' 'O4 P -3'
Q6E non-polymer (1~{S},3~{R})-3-acetamido-~{N}-[5-chloranyl-4-(5,5-dimethyl-4,6-dihydropyrrolo[1,2-b]pyrazol-3-yl)pyridin-2-yl]cyclohexane-1-carboxamide 'C22 H28 Cl N5 O2'
TRS non-polymer 2-AMINO-2-HYDROXYMETHYL-PROPANE-1,3-DIOL 'C4 H12 N O3 1'
#
# COMPACT_ATOMS: atom_id res chain seq x y z
N TYR A 5 4.40 17.37 19.06
CA TYR A 5 5.41 18.28 19.57
C TYR A 5 5.35 18.35 21.11
N ASP A 6 5.83 17.27 21.79
CA ASP A 6 5.92 17.06 23.26
C ASP A 6 4.55 16.87 24.00
N ASP A 7 3.53 17.71 23.66
CA ASP A 7 2.20 17.82 24.27
C ASP A 7 1.11 18.08 23.18
N ASN A 8 1.13 17.28 22.10
CA ASN A 8 0.19 17.40 20.98
C ASN A 8 -0.83 16.29 20.93
N GLU A 9 -2.13 16.64 20.69
CA GLU A 9 -3.26 15.68 20.63
C GLU A 9 -3.04 14.63 19.58
N CYS A 10 -3.32 13.36 19.90
CA CYS A 10 -3.09 12.29 18.94
C CYS A 10 -4.03 11.11 19.14
N PRO A 11 -5.30 11.35 18.79
CA PRO A 11 -6.35 10.37 19.06
C PRO A 11 -6.23 9.05 18.39
N PHE A 12 -5.62 9.05 17.19
CA PHE A 12 -5.58 7.86 16.34
C PHE A 12 -4.23 7.21 16.24
N CYS A 13 -3.28 7.67 17.05
CA CYS A 13 -1.98 7.02 17.12
C CYS A 13 -1.63 6.80 18.60
N ASP A 14 -1.80 5.56 19.05
CA ASP A 14 -1.57 5.29 20.46
C ASP A 14 -0.11 5.05 20.75
N GLU A 15 0.34 5.33 21.99
CA GLU A 15 1.72 5.07 22.38
C GLU A 15 1.88 3.55 22.59
N VAL A 16 3.00 2.99 22.07
CA VAL A 16 3.33 1.55 22.06
C VAL A 16 3.43 0.97 23.47
N SER A 17 3.54 1.87 24.47
CA SER A 17 3.63 1.53 25.89
C SER A 17 2.41 0.74 26.35
N LYS A 18 1.31 0.78 25.58
CA LYS A 18 0.08 0.01 25.84
C LYS A 18 0.36 -1.48 25.82
N TYR A 19 1.37 -1.88 25.04
CA TYR A 19 1.84 -3.25 24.90
C TYR A 19 3.10 -3.38 25.73
N GLU A 20 3.29 -4.57 26.33
CA GLU A 20 4.45 -4.86 27.16
C GLU A 20 5.39 -5.79 26.41
N LYS A 21 6.63 -5.33 26.10
CA LYS A 21 7.62 -6.15 25.38
C LYS A 21 8.02 -7.39 26.18
N LEU A 22 7.80 -8.55 25.59
CA LEU A 22 8.11 -9.83 26.22
C LEU A 22 9.41 -10.45 25.74
N ALA A 23 9.68 -10.43 24.42
CA ALA A 23 10.88 -11.02 23.84
C ALA A 23 11.17 -10.55 22.42
N LYS A 24 12.47 -10.37 22.05
CA LYS A 24 12.87 -10.08 20.68
C LYS A 24 12.67 -11.39 19.90
N ILE A 25 12.09 -11.33 18.67
CA ILE A 25 11.86 -12.52 17.84
C ILE A 25 12.39 -12.33 16.39
N GLY A 26 13.07 -11.21 16.16
CA GLY A 26 13.69 -10.84 14.89
C GLY A 26 15.03 -10.16 15.10
N GLN A 27 16.11 -10.94 14.92
CA GLN A 27 17.54 -10.59 15.09
C GLN A 27 18.29 -11.14 13.87
N GLY A 28 17.76 -12.23 13.32
CA GLY A 28 18.22 -12.90 12.11
C GLY A 28 17.55 -12.34 10.87
N THR A 29 18.38 -11.70 10.02
CA THR A 29 18.12 -11.00 8.74
C THR A 29 17.25 -9.72 8.93
N PHE A 30 16.24 -9.74 9.84
CA PHE A 30 15.47 -8.56 10.04
C PHE A 30 15.95 -7.72 11.23
N GLY A 31 15.38 -6.52 11.25
CA GLY A 31 15.56 -5.41 12.17
C GLY A 31 15.03 -5.59 13.58
N GLU A 32 13.87 -4.98 13.95
CA GLU A 32 13.46 -5.07 15.35
C GLU A 32 12.04 -5.54 15.56
N VAL A 33 11.85 -6.87 15.72
CA VAL A 33 10.54 -7.51 15.95
C VAL A 33 10.49 -8.05 17.38
N PHE A 34 9.43 -7.68 18.13
CA PHE A 34 9.18 -8.10 19.51
C PHE A 34 7.87 -8.79 19.68
N LYS A 35 7.83 -9.81 20.54
CA LYS A 35 6.58 -10.44 20.98
C LYS A 35 6.15 -9.57 22.15
N ALA A 36 4.88 -9.16 22.20
CA ALA A 36 4.41 -8.32 23.28
C ALA A 36 2.98 -8.64 23.72
N ARG A 37 2.59 -8.12 24.88
CA ARG A 37 1.32 -8.39 25.53
C ARG A 37 0.56 -7.13 25.80
N HIS A 38 -0.72 -7.07 25.39
CA HIS A 38 -1.53 -5.89 25.67
C HIS A 38 -1.67 -5.81 27.19
N ARG A 39 -1.28 -4.68 27.79
CA ARG A 39 -1.26 -4.51 29.23
C ARG A 39 -2.60 -4.66 29.95
N LYS A 40 -3.75 -4.55 29.24
CA LYS A 40 -5.09 -4.64 29.84
C LYS A 40 -5.81 -5.93 29.61
N THR A 41 -5.70 -6.49 28.40
CA THR A 41 -6.38 -7.69 27.92
C THR A 41 -5.54 -8.95 27.90
N GLY A 42 -4.24 -8.76 27.71
CA GLY A 42 -3.29 -9.86 27.62
C GLY A 42 -3.07 -10.33 26.19
N GLN A 43 -3.77 -9.69 25.26
CA GLN A 43 -3.69 -10.00 23.83
C GLN A 43 -2.24 -9.99 23.37
N ARG A 44 -1.78 -11.11 22.80
CA ARG A 44 -0.41 -11.20 22.30
C ARG A 44 -0.34 -10.59 20.92
N VAL A 45 0.70 -9.79 20.67
CA VAL A 45 0.93 -9.11 19.41
C VAL A 45 2.41 -9.20 19.03
N ALA A 46 2.74 -8.74 17.82
CA ALA A 46 4.12 -8.63 17.38
C ALA A 46 4.33 -7.17 17.03
N LEU A 47 5.39 -6.57 17.55
CA LEU A 47 5.71 -5.17 17.31
C LEU A 47 6.90 -5.10 16.39
N LYS A 48 6.76 -4.47 15.24
CA LYS A 48 7.86 -4.31 14.27
C LYS A 48 8.22 -2.84 14.26
N LYS A 49 9.42 -2.48 14.72
CA LYS A 49 9.86 -1.08 14.73
C LYS A 49 10.21 -0.61 13.32
N VAL A 50 9.79 0.62 12.94
CA VAL A 50 10.16 1.14 11.62
C VAL A 50 11.52 1.80 11.82
N LEU A 51 12.48 1.25 11.09
CA LEU A 51 13.89 1.54 11.16
C LEU A 51 14.27 2.80 10.46
N MET A 52 15.02 3.63 11.19
CA MET A 52 15.45 4.93 10.73
C MET A 52 16.97 5.09 10.52
N GLU A 53 17.65 4.07 9.95
CA GLU A 53 19.09 4.09 9.66
C GLU A 53 19.53 5.37 8.89
N ASN A 54 19.67 5.29 7.56
CA ASN A 54 20.07 6.46 6.76
C ASN A 54 18.77 7.06 6.18
N GLU A 55 17.91 7.64 7.07
CA GLU A 55 16.66 8.24 6.61
C GLU A 55 16.72 9.77 6.63
N LYS A 56 17.28 10.26 5.53
CA LYS A 56 17.54 11.65 5.21
C LYS A 56 16.33 12.31 4.55
N GLU A 57 15.27 11.54 4.24
CA GLU A 57 14.09 12.08 3.57
C GLU A 57 12.84 11.82 4.38
N GLY A 58 12.92 12.18 5.66
CA GLY A 58 11.83 12.00 6.59
C GLY A 58 11.39 10.56 6.71
N PHE A 59 10.09 10.36 7.03
CA PHE A 59 9.48 9.04 7.18
C PHE A 59 9.69 8.18 5.96
N PRO A 60 10.26 6.98 6.18
CA PRO A 60 10.63 6.12 5.07
C PRO A 60 9.52 5.79 4.07
N ILE A 61 9.78 6.11 2.81
CA ILE A 61 8.87 5.82 1.71
C ILE A 61 8.58 4.32 1.65
N THR A 62 9.59 3.51 1.99
CA THR A 62 9.54 2.06 2.06
C THR A 62 8.51 1.62 3.08
N ALA A 63 8.49 2.31 4.25
CA ALA A 63 7.57 1.96 5.33
C ALA A 63 6.16 2.38 4.97
N LEU A 64 6.04 3.52 4.24
CA LEU A 64 4.74 4.02 3.75
C LEU A 64 4.15 2.98 2.82
N ARG A 65 4.98 2.42 1.92
CA ARG A 65 4.56 1.36 0.98
C ARG A 65 4.00 0.13 1.73
N GLU A 66 4.81 -0.42 2.68
CA GLU A 66 4.47 -1.61 3.47
C GLU A 66 3.17 -1.39 4.19
N ILE A 67 3.04 -0.24 4.86
CA ILE A 67 1.82 0.15 5.58
C ILE A 67 0.64 0.18 4.60
N LYS A 68 0.79 0.81 3.44
CA LYS A 68 -0.28 0.89 2.46
C LYS A 68 -0.75 -0.52 2.08
N ILE A 69 0.21 -1.42 1.84
CA ILE A 69 -0.04 -2.81 1.43
C ILE A 69 -0.73 -3.58 2.54
N LEU A 70 -0.22 -3.45 3.80
CA LEU A 70 -0.77 -4.09 4.98
C LEU A 70 -2.19 -3.68 5.22
N GLN A 71 -2.52 -2.39 4.98
CA GLN A 71 -3.86 -1.85 5.16
C GLN A 71 -4.79 -2.36 4.10
N LEU A 72 -4.27 -2.65 2.90
CA LEU A 72 -5.09 -3.17 1.81
C LEU A 72 -5.39 -4.67 2.00
N LEU A 73 -4.39 -5.47 2.39
CA LEU A 73 -4.52 -6.89 2.44
C LEU A 73 -5.21 -7.41 3.67
N LYS A 74 -6.49 -7.80 3.52
CA LYS A 74 -7.28 -8.33 4.63
C LYS A 74 -7.80 -9.72 4.28
N HIS A 75 -7.06 -10.76 4.74
CA HIS A 75 -7.41 -12.13 4.37
C HIS A 75 -6.93 -13.09 5.40
N GLU A 76 -7.64 -14.21 5.57
CA GLU A 76 -7.35 -15.24 6.59
C GLU A 76 -5.95 -15.77 6.52
N ASN A 77 -5.34 -15.77 5.32
CA ASN A 77 -4.01 -16.30 5.15
C ASN A 77 -2.93 -15.21 4.93
N VAL A 78 -3.23 -13.99 5.35
CA VAL A 78 -2.28 -12.87 5.30
C VAL A 78 -2.23 -12.24 6.69
N VAL A 79 -0.99 -11.98 7.17
CA VAL A 79 -0.77 -11.36 8.47
C VAL A 79 -1.66 -10.07 8.67
N ASN A 80 -2.08 -9.79 9.90
CA ASN A 80 -3.00 -8.66 10.11
C ASN A 80 -2.43 -7.52 10.89
N LEU A 81 -2.28 -6.35 10.22
CA LEU A 81 -1.81 -5.13 10.89
C LEU A 81 -2.99 -4.53 11.71
N ILE A 82 -2.88 -4.60 13.06
CA ILE A 82 -3.87 -4.13 14.01
C ILE A 82 -3.89 -2.61 14.01
N GLU A 83 -2.71 -1.98 14.17
CA GLU A 83 -2.57 -0.54 14.23
C GLU A 83 -1.10 -0.16 14.15
N ILE A 84 -0.84 1.17 14.04
CA ILE A 84 0.50 1.76 14.09
C ILE A 84 0.62 2.59 15.39
N CYS A 85 1.69 2.35 16.15
CA CYS A 85 1.92 2.99 17.42
C CYS A 85 3.16 3.85 17.39
N ARG A 86 3.16 4.94 18.17
CA ARG A 86 4.27 5.90 18.29
C ARG A 86 4.94 5.70 19.61
N THR A 87 5.91 6.54 19.96
CA THR A 87 6.53 6.48 21.28
C THR A 87 6.92 7.91 21.71
N LYS A 88 6.16 8.50 22.68
CA LYS A 88 6.30 9.92 23.07
C LYS A 88 7.73 10.32 23.51
N CYS A 95 14.21 14.95 21.84
CA CYS A 95 15.04 14.28 20.83
C CYS A 95 14.19 13.56 19.74
N LYS A 96 14.54 12.29 19.38
CA LYS A 96 13.86 11.50 18.35
C LYS A 96 13.06 10.29 18.96
N GLY A 97 11.95 9.93 18.28
CA GLY A 97 11.01 8.90 18.71
C GLY A 97 10.41 8.04 17.61
N SER A 98 10.49 6.72 17.82
CA SER A 98 10.14 5.60 16.96
C SER A 98 8.65 5.39 16.60
N ILE A 99 8.40 4.44 15.66
CA ILE A 99 7.08 4.00 15.18
C ILE A 99 7.07 2.48 15.09
N TYR A 100 5.95 1.85 15.49
CA TYR A 100 5.81 0.40 15.49
C TYR A 100 4.59 -0.07 14.75
N LEU A 101 4.74 -1.15 13.98
CA LEU A 101 3.64 -1.79 13.28
C LEU A 101 3.21 -2.88 14.25
N VAL A 102 1.92 -2.91 14.60
CA VAL A 102 1.40 -3.90 15.54
C VAL A 102 0.62 -4.97 14.80
N PHE A 103 1.05 -6.25 14.88
CA PHE A 103 0.35 -7.37 14.24
C PHE A 103 -0.15 -8.38 15.25
N ASP A 104 -1.24 -9.08 14.93
CA ASP A 104 -1.74 -10.13 15.78
C ASP A 104 -0.62 -11.18 15.80
N PHE A 105 -0.29 -11.69 17.00
CA PHE A 105 0.79 -12.65 17.14
C PHE A 105 0.42 -14.04 16.60
N CYS A 106 1.40 -14.70 15.98
CA CYS A 106 1.29 -16.08 15.44
C CYS A 106 2.30 -16.94 16.20
N GLU A 107 1.86 -18.03 16.79
CA GLU A 107 2.66 -18.84 17.68
C GLU A 107 3.89 -19.48 17.02
N HIS A 108 3.74 -20.03 15.77
CA HIS A 108 4.81 -20.75 15.05
C HIS A 108 5.25 -20.14 13.72
N ASP A 109 6.35 -20.66 13.15
CA ASP A 109 6.78 -20.31 11.79
C ASP A 109 7.25 -21.59 11.09
N LEU A 110 6.88 -21.75 9.80
CA LEU A 110 7.20 -22.93 9.01
C LEU A 110 8.68 -23.37 9.10
N ALA A 111 9.64 -22.39 9.07
CA ALA A 111 11.05 -22.70 9.20
C ALA A 111 11.35 -23.43 10.52
N GLY A 112 10.75 -22.95 11.59
CA GLY A 112 10.88 -23.51 12.94
C GLY A 112 10.32 -24.92 13.10
N LEU A 113 9.06 -25.12 12.66
CA LEU A 113 8.40 -26.41 12.74
C LEU A 113 9.15 -27.43 11.91
N LEU A 114 9.66 -27.00 10.74
CA LEU A 114 10.37 -27.89 9.85
C LEU A 114 11.75 -28.27 10.37
N SER A 115 12.41 -27.35 11.09
CA SER A 115 13.73 -27.58 11.65
C SER A 115 13.64 -28.33 13.01
N ASN A 116 12.41 -28.77 13.37
CA ASN A 116 12.15 -29.45 14.63
C ASN A 116 11.81 -30.91 14.39
N VAL A 117 12.77 -31.76 14.74
CA VAL A 117 12.70 -33.22 14.60
C VAL A 117 11.51 -33.83 15.30
N LEU A 118 11.08 -33.27 16.43
CA LEU A 118 9.93 -33.74 17.20
C LEU A 118 8.58 -33.49 16.47
N VAL A 119 8.52 -32.42 15.66
CA VAL A 119 7.35 -32.05 14.86
C VAL A 119 7.18 -33.02 13.72
N LYS A 120 5.97 -33.52 13.52
CA LYS A 120 5.72 -34.44 12.42
C LYS A 120 4.37 -34.15 11.72
N PHE A 121 4.41 -34.02 10.38
CA PHE A 121 3.24 -33.75 9.57
C PHE A 121 2.75 -34.98 8.87
N THR A 122 1.43 -35.12 8.75
CA THR A 122 0.84 -36.21 7.97
C THR A 122 0.69 -35.66 6.53
N LEU A 123 0.44 -36.53 5.54
CA LEU A 123 0.24 -36.05 4.19
C LEU A 123 -0.96 -35.11 4.14
N SER A 124 -1.99 -35.40 4.97
CA SER A 124 -3.23 -34.64 5.05
C SER A 124 -3.01 -33.19 5.49
N GLU A 125 -2.10 -33.00 6.45
CA GLU A 125 -1.78 -31.69 7.00
C GLU A 125 -0.89 -30.88 6.04
N ILE A 126 0.09 -31.56 5.41
CA ILE A 126 0.95 -30.94 4.39
C ILE A 126 0.06 -30.36 3.29
N LYS A 127 -0.97 -31.13 2.90
CA LYS A 127 -1.96 -30.67 1.92
C LYS A 127 -2.62 -29.35 2.38
N ARG A 128 -3.03 -29.31 3.65
CA ARG A 128 -3.69 -28.15 4.24
C ARG A 128 -2.78 -26.92 4.22
N VAL A 129 -1.52 -27.08 4.68
CA VAL A 129 -0.49 -26.02 4.70
C VAL A 129 -0.36 -25.37 3.32
N MET A 130 -0.15 -26.22 2.30
CA MET A 130 0.01 -25.77 0.93
C MET A 130 -1.21 -25.07 0.42
N GLN A 131 -2.39 -25.57 0.83
CA GLN A 131 -3.66 -25.00 0.42
C GLN A 131 -3.80 -23.56 0.90
N MET A 132 -3.56 -23.33 2.20
CA MET A 132 -3.61 -22.00 2.81
C MET A 132 -2.58 -21.05 2.15
N LEU A 133 -1.35 -21.54 1.96
CA LEU A 133 -0.28 -20.77 1.36
C LEU A 133 -0.67 -20.30 -0.01
N LEU A 134 -1.12 -21.24 -0.87
CA LEU A 134 -1.51 -20.90 -2.22
C LEU A 134 -2.73 -20.01 -2.27
N ASN A 135 -3.60 -20.13 -1.26
CA ASN A 135 -4.80 -19.30 -1.21
C ASN A 135 -4.43 -17.87 -0.82
N GLY A 136 -3.44 -17.73 0.07
CA GLY A 136 -2.91 -16.43 0.46
C GLY A 136 -2.32 -15.75 -0.77
N LEU A 137 -1.48 -16.48 -1.52
CA LEU A 137 -0.87 -15.99 -2.75
C LEU A 137 -1.89 -15.61 -3.79
N PHE A 138 -2.94 -16.40 -3.94
CA PHE A 138 -3.96 -16.05 -4.90
C PHE A 138 -4.54 -14.69 -4.54
N TYR A 139 -4.86 -14.49 -3.23
CA TYR A 139 -5.44 -13.26 -2.76
C TYR A 139 -4.57 -12.07 -3.04
N ILE A 140 -3.32 -12.11 -2.60
CA ILE A 140 -2.38 -10.99 -2.72
C ILE A 140 -2.18 -10.62 -4.17
N HIS A 141 -2.01 -11.61 -5.04
CA HIS A 141 -1.80 -11.38 -6.47
C HIS A 141 -3.03 -10.78 -7.11
N ARG A 142 -4.23 -11.28 -6.73
CA ARG A 142 -5.53 -10.81 -7.20
C ARG A 142 -5.63 -9.31 -6.88
N ASN A 143 -4.97 -8.86 -5.80
CA ASN A 143 -4.94 -7.48 -5.31
C ASN A 143 -3.73 -6.72 -5.79
N LYS A 144 -3.09 -7.24 -6.85
CA LYS A 144 -1.97 -6.62 -7.57
C LYS A 144 -0.76 -6.39 -6.66
N ILE A 145 -0.47 -7.34 -5.79
CA ILE A 145 0.68 -7.26 -4.91
C ILE A 145 1.58 -8.47 -5.14
N LEU A 146 2.88 -8.22 -5.23
CA LEU A 146 3.89 -9.28 -5.30
C LEU A 146 4.51 -9.31 -3.91
N HIS A 147 4.65 -10.53 -3.31
CA HIS A 147 5.24 -10.66 -1.99
C HIS A 147 6.75 -10.42 -2.04
N ARG A 148 7.42 -11.06 -3.02
CA ARG A 148 8.84 -10.90 -3.31
C ARG A 148 9.80 -11.40 -2.23
N ASP A 149 9.33 -12.13 -1.23
CA ASP A 149 10.22 -12.61 -0.17
C ASP A 149 9.75 -13.93 0.37
N MET A 150 9.25 -14.78 -0.53
CA MET A 150 8.77 -16.10 -0.15
C MET A 150 9.87 -16.99 0.50
N LYS A 151 9.67 -17.45 1.74
CA LYS A 151 10.58 -18.37 2.45
C LYS A 151 9.90 -18.96 3.68
N ALA A 152 10.27 -20.17 4.06
CA ALA A 152 9.67 -20.84 5.23
C ALA A 152 9.57 -19.96 6.47
N ALA A 153 10.61 -19.13 6.73
CA ALA A 153 10.65 -18.25 7.88
C ALA A 153 9.65 -17.12 7.85
N ASN A 154 9.15 -16.75 6.63
CA ASN A 154 8.12 -15.72 6.39
C ASN A 154 6.70 -16.31 6.34
N VAL A 155 6.57 -17.63 6.61
CA VAL A 155 5.26 -18.28 6.62
C VAL A 155 4.97 -18.58 8.10
N LEU A 156 3.88 -18.02 8.61
CA LEU A 156 3.56 -18.25 10.01
C LEU A 156 2.34 -19.11 10.17
N ILE A 157 2.16 -19.73 11.34
CA ILE A 157 0.99 -20.58 11.62
C ILE A 157 0.47 -20.22 13.00
N THR A 158 -0.82 -19.94 13.15
CA THR A 158 -1.40 -19.64 14.45
C THR A 158 -1.58 -20.86 15.31
N ARG A 159 -1.86 -20.66 16.62
CA ARG A 159 -2.11 -21.74 17.58
C ARG A 159 -3.30 -22.56 17.13
N ASP A 160 -4.14 -22.02 16.24
CA ASP A 160 -5.33 -22.66 15.70
C ASP A 160 -5.10 -23.29 14.34
N GLY A 161 -3.84 -23.31 13.92
CA GLY A 161 -3.47 -23.95 12.66
C GLY A 161 -3.78 -23.18 11.41
N VAL A 162 -3.88 -21.84 11.51
CA VAL A 162 -4.12 -20.94 10.37
C VAL A 162 -2.79 -20.37 9.88
N LEU A 163 -2.45 -20.63 8.62
CA LEU A 163 -1.22 -20.12 8.00
C LEU A 163 -1.41 -18.68 7.56
N LYS A 164 -0.40 -17.84 7.81
CA LYS A 164 -0.39 -16.43 7.40
C LYS A 164 0.90 -16.12 6.66
N LEU A 165 0.76 -15.42 5.52
CA LEU A 165 1.94 -14.92 4.81
C LEU A 165 2.36 -13.67 5.58
N ALA A 166 3.66 -13.57 5.91
CA ALA A 166 4.20 -12.48 6.72
C ALA A 166 5.34 -11.74 6.03
N ASP A 167 5.77 -10.62 6.62
CA ASP A 167 6.86 -9.77 6.15
C ASP A 167 6.65 -9.25 4.70
N PHE A 168 5.86 -8.15 4.60
CA PHE A 168 5.57 -7.50 3.33
C PHE A 168 6.51 -6.31 3.07
N GLY A 169 7.63 -6.27 3.77
CA GLY A 169 8.58 -5.18 3.70
C GLY A 169 9.25 -5.05 2.36
N LEU A 170 9.22 -6.14 1.60
CA LEU A 170 9.80 -6.15 0.27
C LEU A 170 8.69 -6.26 -0.77
N ALA A 171 7.41 -6.40 -0.33
CA ALA A 171 6.27 -6.46 -1.24
C ALA A 171 6.06 -5.16 -1.98
N ARG A 172 5.42 -5.25 -3.14
CA ARG A 172 5.22 -4.13 -4.03
C ARG A 172 4.00 -4.35 -4.88
N ALA A 173 3.33 -3.25 -5.27
CA ALA A 173 2.20 -3.31 -6.18
C ALA A 173 2.69 -3.53 -7.62
N PHE A 174 1.97 -4.28 -8.44
CA PHE A 174 2.35 -4.51 -9.82
C PHE A 174 1.22 -4.14 -10.76
N SER A 175 1.53 -4.03 -12.04
CA SER A 175 0.59 -3.58 -13.06
C SER A 175 0.66 -4.36 -14.41
N LEU A 176 -0.24 -3.95 -15.31
CA LEU A 176 -0.63 -4.59 -16.55
C LEU A 176 -0.34 -3.72 -17.76
N ASN A 181 7.24 1.27 -22.42
CA ASN A 181 6.14 0.32 -22.28
C ASN A 181 6.37 -0.78 -21.17
N PRO A 182 7.55 -1.48 -21.07
CA PRO A 182 7.70 -2.53 -20.05
C PRO A 182 8.02 -2.08 -18.62
N ASN A 183 7.57 -2.89 -17.65
CA ASN A 183 7.82 -2.68 -16.23
C ASN A 183 9.29 -2.90 -15.88
N ARG A 184 9.84 -2.01 -15.04
CA ARG A 184 11.22 -2.08 -14.57
C ARG A 184 11.25 -2.23 -13.07
N TYR A 185 10.79 -3.39 -12.57
CA TYR A 185 10.80 -3.69 -11.14
C TYR A 185 12.21 -4.10 -10.72
N TPO A 186 12.53 -3.91 -9.43
CA TPO A 186 13.85 -4.20 -8.86
CB TPO A 186 13.63 -3.76 -7.41
CG2 TPO A 186 14.87 -4.01 -6.50
OG1 TPO A 186 13.13 -2.39 -7.45
P TPO A 186 11.86 -2.00 -6.56
O1P TPO A 186 11.84 -0.46 -6.56
O2P TPO A 186 11.92 -2.34 -5.01
O3P TPO A 186 10.52 -2.38 -7.16
C TPO A 186 14.25 -5.68 -8.95
O TPO A 186 13.43 -6.53 -8.65
N ASN A 187 15.51 -6.00 -9.35
CA ASN A 187 15.98 -7.38 -9.42
C ASN A 187 16.58 -7.82 -8.08
N ARG A 188 16.87 -6.87 -7.19
CA ARG A 188 17.41 -7.15 -5.86
C ARG A 188 16.24 -7.67 -4.95
N VAL A 189 15.54 -8.73 -5.42
CA VAL A 189 14.35 -9.28 -4.76
C VAL A 189 14.46 -10.78 -4.52
N VAL A 190 13.92 -11.23 -3.36
CA VAL A 190 13.86 -12.64 -2.91
C VAL A 190 15.19 -13.16 -2.37
N THR A 191 15.16 -13.87 -1.25
CA THR A 191 16.40 -14.47 -0.73
C THR A 191 16.92 -15.50 -1.72
N LEU A 192 18.23 -15.61 -1.85
CA LEU A 192 18.89 -16.42 -2.87
C LEU A 192 18.35 -17.84 -3.03
N TRP A 193 18.20 -18.60 -1.96
CA TRP A 193 17.76 -19.99 -2.05
C TRP A 193 16.38 -20.19 -2.64
N TYR A 194 15.56 -19.16 -2.51
CA TYR A 194 14.19 -19.14 -2.95
C TYR A 194 14.01 -18.31 -4.23
N ARG A 195 15.09 -17.69 -4.72
CA ARG A 195 15.01 -16.85 -5.91
C ARG A 195 14.81 -17.65 -7.20
N PRO A 196 13.78 -17.25 -8.00
CA PRO A 196 13.51 -17.93 -9.27
C PRO A 196 14.54 -17.65 -10.38
N PRO A 197 14.59 -18.56 -11.40
CA PRO A 197 15.53 -18.41 -12.54
C PRO A 197 15.49 -17.04 -13.21
N GLU A 198 14.29 -16.52 -13.51
CA GLU A 198 14.05 -15.22 -14.15
C GLU A 198 14.91 -14.14 -13.55
N LEU A 199 14.85 -13.98 -12.22
CA LEU A 199 15.62 -12.96 -11.51
C LEU A 199 17.13 -13.17 -11.63
N LEU A 200 17.57 -14.42 -11.51
CA LEU A 200 18.98 -14.82 -11.64
C LEU A 200 19.48 -14.58 -13.07
N LEU A 201 18.58 -14.52 -14.06
CA LEU A 201 18.93 -14.23 -15.44
C LEU A 201 18.77 -12.73 -15.77
N GLY A 202 18.42 -11.93 -14.76
CA GLY A 202 18.30 -10.48 -14.85
C GLY A 202 16.97 -9.87 -15.27
N GLU A 203 15.86 -10.58 -15.07
CA GLU A 203 14.53 -10.10 -15.45
C GLU A 203 14.05 -8.95 -14.54
N ARG A 204 13.45 -7.88 -15.14
CA ARG A 204 12.88 -6.73 -14.39
C ARG A 204 11.38 -6.55 -14.66
N ASP A 205 10.86 -7.30 -15.64
CA ASP A 205 9.46 -7.29 -16.00
C ASP A 205 8.90 -8.66 -15.63
N TYR A 206 8.86 -8.92 -14.32
CA TYR A 206 8.39 -10.18 -13.75
C TYR A 206 7.08 -9.96 -13.06
N GLY A 207 6.44 -11.05 -12.66
CA GLY A 207 5.15 -10.99 -11.98
C GLY A 207 4.92 -12.04 -10.93
N PRO A 208 3.64 -12.42 -10.74
CA PRO A 208 3.31 -13.41 -9.71
C PRO A 208 4.06 -14.73 -9.76
N PRO A 209 4.51 -15.25 -10.91
CA PRO A 209 5.26 -16.53 -10.90
C PRO A 209 6.50 -16.57 -10.01
N ILE A 210 7.05 -15.41 -9.60
CA ILE A 210 8.23 -15.40 -8.72
C ILE A 210 7.87 -15.96 -7.33
N ASP A 211 6.66 -15.62 -6.86
CA ASP A 211 6.16 -16.08 -5.57
C ASP A 211 5.83 -17.58 -5.59
N LEU A 212 5.42 -18.08 -6.76
CA LEU A 212 5.07 -19.48 -6.93
C LEU A 212 6.29 -20.39 -6.96
N TRP A 213 7.40 -19.90 -7.53
CA TRP A 213 8.66 -20.65 -7.51
C TRP A 213 9.04 -20.87 -6.04
N GLY A 214 8.89 -19.81 -5.23
CA GLY A 214 9.12 -19.83 -3.79
C GLY A 214 8.19 -20.82 -3.10
N ALA A 215 6.91 -20.92 -3.57
CA ALA A 215 5.93 -21.87 -3.05
C ALA A 215 6.41 -23.31 -3.32
N GLY A 216 6.95 -23.53 -4.51
CA GLY A 216 7.53 -24.80 -4.90
C GLY A 216 8.61 -25.22 -3.94
N CYS A 217 9.61 -24.31 -3.70
CA CYS A 217 10.74 -24.58 -2.79
C CYS A 217 10.29 -24.94 -1.40
N ILE A 218 9.22 -24.25 -0.92
CA ILE A 218 8.65 -24.48 0.40
C ILE A 218 7.94 -25.85 0.41
N MET A 219 7.17 -26.15 -0.64
CA MET A 219 6.44 -27.41 -0.70
C MET A 219 7.39 -28.58 -0.55
N ALA A 220 8.46 -28.58 -1.36
CA ALA A 220 9.48 -29.62 -1.32
C ALA A 220 10.14 -29.71 0.05
N GLU A 221 10.24 -28.56 0.73
CA GLU A 221 10.84 -28.43 2.06
C GLU A 221 9.97 -29.12 3.12
N MET A 222 8.65 -29.33 2.84
CA MET A 222 7.72 -29.98 3.76
C MET A 222 8.07 -31.46 3.98
N TRP A 223 8.80 -32.07 3.02
CA TRP A 223 9.25 -33.46 3.13
C TRP A 223 10.75 -33.54 3.39
N THR A 224 11.56 -32.75 2.64
CA THR A 224 13.02 -32.74 2.81
C THR A 224 13.45 -32.09 4.12
N ARG A 225 12.56 -31.29 4.76
CA ARG A 225 12.85 -30.61 6.02
C ARG A 225 14.08 -29.67 5.94
N SER A 226 14.50 -29.33 4.71
CA SER A 226 15.66 -28.51 4.47
C SER A 226 15.58 -27.87 3.09
N PRO A 227 16.00 -26.59 2.96
CA PRO A 227 15.94 -25.90 1.65
C PRO A 227 16.66 -26.67 0.56
N ILE A 228 15.92 -27.13 -0.44
CA ILE A 228 16.38 -28.03 -1.51
C ILE A 228 17.63 -27.53 -2.28
N MET A 229 17.73 -26.20 -2.50
CA MET A 229 18.82 -25.59 -3.27
C MET A 229 19.50 -24.45 -2.52
N GLN A 230 20.62 -24.75 -1.84
CA GLN A 230 21.31 -23.79 -0.98
C GLN A 230 22.58 -23.16 -1.58
N GLY A 231 22.41 -22.36 -2.63
CA GLY A 231 23.52 -21.70 -3.30
C GLY A 231 24.28 -20.70 -2.44
N ASN A 232 25.47 -20.29 -2.91
CA ASN A 232 26.33 -19.33 -2.21
C ASN A 232 26.43 -18.01 -2.97
N THR A 233 26.30 -18.09 -4.30
CA THR A 233 26.26 -16.95 -5.21
C THR A 233 25.19 -17.22 -6.26
N GLU A 234 24.83 -16.20 -7.04
CA GLU A 234 23.85 -16.31 -8.12
C GLU A 234 24.25 -17.43 -9.13
N GLN A 235 25.56 -17.53 -9.46
CA GLN A 235 26.07 -18.55 -10.37
C GLN A 235 25.89 -19.94 -9.76
N HIS A 236 26.16 -20.07 -8.44
CA HIS A 236 25.99 -21.32 -7.71
C HIS A 236 24.50 -21.73 -7.67
N GLN A 237 23.64 -20.74 -7.44
CA GLN A 237 22.20 -20.93 -7.40
C GLN A 237 21.72 -21.41 -8.74
N LEU A 238 22.12 -20.72 -9.83
CA LEU A 238 21.71 -21.09 -11.17
C LEU A 238 22.14 -22.49 -11.51
N ALA A 239 23.34 -22.88 -11.03
CA ALA A 239 23.91 -24.20 -11.26
C ALA A 239 23.10 -25.24 -10.50
N LEU A 240 22.80 -24.96 -9.22
CA LEU A 240 22.00 -25.86 -8.39
C LEU A 240 20.62 -26.14 -9.00
N ILE A 241 19.96 -25.08 -9.51
CA ILE A 241 18.66 -25.15 -10.19
C ILE A 241 18.76 -26.08 -11.40
N SER A 242 19.86 -25.97 -12.18
CA SER A 242 20.09 -26.80 -13.36
C SER A 242 20.26 -28.26 -13.01
N GLN A 243 20.95 -28.53 -11.89
CA GLN A 243 21.18 -29.90 -11.40
C GLN A 243 19.88 -30.55 -10.87
N LEU A 244 18.78 -29.77 -10.78
CA LEU A 244 17.50 -30.27 -10.32
C LEU A 244 16.43 -30.21 -11.38
N CYS A 245 16.27 -29.06 -12.05
CA CYS A 245 15.19 -28.80 -13.03
C CYS A 245 15.58 -29.01 -14.49
N GLY A 246 16.73 -29.60 -14.72
CA GLY A 246 17.26 -29.71 -16.06
C GLY A 246 18.00 -28.42 -16.38
N SER A 247 18.50 -28.27 -17.62
CA SER A 247 19.25 -27.07 -17.98
C SER A 247 18.45 -26.06 -18.78
N ILE A 248 18.78 -24.77 -18.60
CA ILE A 248 18.13 -23.62 -19.25
C ILE A 248 18.31 -23.71 -20.77
N THR A 249 17.24 -24.08 -21.49
CA THR A 249 17.27 -24.27 -22.94
C THR A 249 16.15 -23.48 -23.61
N PRO A 250 16.43 -22.76 -24.72
CA PRO A 250 15.35 -22.09 -25.46
C PRO A 250 14.24 -23.07 -25.90
N GLU A 251 14.53 -24.38 -25.87
CA GLU A 251 13.58 -25.42 -26.18
C GLU A 251 12.67 -25.59 -24.98
N VAL A 252 13.26 -25.65 -23.77
CA VAL A 252 12.52 -25.79 -22.51
C VAL A 252 11.87 -24.46 -22.11
N TRP A 253 12.60 -23.37 -22.26
CA TRP A 253 12.23 -22.02 -21.92
C TRP A 253 12.30 -21.09 -23.16
N PRO A 254 11.22 -21.07 -23.99
CA PRO A 254 11.22 -20.24 -25.20
C PRO A 254 11.62 -18.78 -24.98
N ASN A 255 12.70 -18.36 -25.64
CA ASN A 255 13.26 -17.01 -25.62
C ASN A 255 14.15 -16.72 -24.41
N VAL A 256 14.53 -17.77 -23.66
CA VAL A 256 15.45 -17.62 -22.53
C VAL A 256 16.76 -16.91 -22.97
N ASP A 257 17.22 -17.25 -24.19
CA ASP A 257 18.40 -16.71 -24.88
C ASP A 257 18.23 -15.21 -25.18
N ASN A 258 18.31 -14.37 -24.12
CA ASN A 258 18.13 -12.96 -24.38
C ASN A 258 19.07 -11.97 -23.65
N TYR A 259 19.48 -12.14 -22.38
CA TYR A 259 20.37 -11.11 -21.77
C TYR A 259 21.68 -11.70 -21.25
N GLU A 260 21.60 -12.98 -20.92
CA GLU A 260 22.69 -13.86 -20.54
C GLU A 260 22.50 -15.21 -21.24
N LEU A 261 22.50 -16.36 -20.50
CA LEU A 261 22.46 -17.74 -21.04
C LEU A 261 23.80 -18.08 -21.76
N TYR A 262 24.28 -17.13 -22.61
CA TYR A 262 25.53 -17.17 -23.40
C TYR A 262 26.40 -16.00 -22.93
N GLU A 263 25.78 -14.81 -22.63
CA GLU A 263 26.50 -13.61 -22.16
C GLU A 263 26.94 -13.94 -20.74
N LYS A 264 28.16 -14.49 -20.66
CA LYS A 264 28.80 -15.04 -19.47
C LYS A 264 27.80 -15.95 -18.74
N LEU A 265 27.62 -15.80 -17.41
CA LEU A 265 26.71 -16.67 -16.63
C LEU A 265 26.84 -18.10 -17.15
N GLU A 266 28.07 -18.63 -17.03
CA GLU A 266 28.50 -19.95 -17.49
C GLU A 266 27.58 -21.02 -16.99
N LEU A 267 26.60 -21.38 -17.82
CA LEU A 267 25.65 -22.41 -17.43
C LEU A 267 26.01 -23.75 -18.02
N VAL A 268 25.46 -24.80 -17.40
CA VAL A 268 25.59 -26.22 -17.76
C VAL A 268 24.93 -26.42 -19.12
N LYS A 269 25.09 -27.61 -19.72
CA LYS A 269 24.47 -27.89 -21.00
C LYS A 269 23.89 -29.30 -21.12
N GLY A 270 24.35 -30.23 -20.30
CA GLY A 270 23.90 -31.62 -20.34
C GLY A 270 22.85 -32.05 -19.32
N GLN A 271 22.61 -31.21 -18.30
CA GLN A 271 21.66 -31.50 -17.20
C GLN A 271 20.26 -31.88 -17.69
N LYS A 272 19.65 -32.85 -17.01
CA LYS A 272 18.33 -33.39 -17.33
C LYS A 272 17.46 -33.34 -16.09
N ARG A 273 16.15 -33.04 -16.22
CA ARG A 273 15.22 -32.91 -15.09
C ARG A 273 15.25 -34.10 -14.12
N LYS A 274 15.55 -33.81 -12.85
CA LYS A 274 15.62 -34.84 -11.80
C LYS A 274 14.72 -34.47 -10.61
N VAL A 275 13.80 -33.50 -10.81
CA VAL A 275 12.89 -33.00 -9.76
C VAL A 275 12.15 -34.15 -9.07
N LYS A 276 11.50 -34.99 -9.88
CA LYS A 276 10.73 -36.11 -9.38
C LYS A 276 11.61 -37.24 -8.88
N ASP A 277 12.80 -37.44 -9.47
CA ASP A 277 13.70 -38.50 -9.04
C ASP A 277 14.39 -38.19 -7.71
N ARG A 278 14.89 -36.97 -7.55
CA ARG A 278 15.62 -36.57 -6.33
C ARG A 278 14.70 -36.47 -5.11
N LEU A 279 13.43 -36.12 -5.35
CA LEU A 279 12.43 -35.97 -4.30
C LEU A 279 11.57 -37.19 -4.12
N ALA A 280 11.62 -38.11 -5.11
CA ALA A 280 10.94 -39.41 -5.12
C ALA A 280 11.05 -40.13 -3.78
N ALA A 281 12.24 -40.04 -3.14
CA ALA A 281 12.54 -40.64 -1.85
C ALA A 281 11.61 -40.10 -0.74
N TYR A 282 11.73 -38.79 -0.46
CA TYR A 282 11.02 -38.10 0.60
C TYR A 282 9.52 -38.00 0.45
N VAL A 283 9.05 -37.66 -0.75
CA VAL A 283 7.64 -37.38 -0.99
C VAL A 283 6.75 -38.63 -1.11
N ARG A 284 7.08 -39.54 -2.05
CA ARG A 284 6.35 -40.79 -2.32
C ARG A 284 4.99 -40.59 -2.97
N ASP A 285 4.14 -39.64 -2.46
CA ASP A 285 2.82 -39.39 -3.05
C ASP A 285 2.95 -38.84 -4.47
N PRO A 286 2.32 -39.53 -5.46
CA PRO A 286 2.42 -39.08 -6.87
C PRO A 286 1.97 -37.65 -7.13
N TYR A 287 0.79 -37.29 -6.59
CA TYR A 287 0.19 -35.98 -6.75
C TYR A 287 1.07 -34.85 -6.23
N ALA A 288 1.62 -35.03 -5.00
CA ALA A 288 2.53 -34.06 -4.39
C ALA A 288 3.76 -33.86 -5.29
N LEU A 289 4.33 -34.95 -5.82
CA LEU A 289 5.46 -34.88 -6.72
C LEU A 289 5.10 -34.17 -8.02
N ASP A 290 3.90 -34.41 -8.56
CA ASP A 290 3.47 -33.76 -9.78
C ASP A 290 3.31 -32.27 -9.59
N LEU A 291 2.68 -31.84 -8.47
CA LEU A 291 2.48 -30.43 -8.21
C LEU A 291 3.80 -29.71 -8.00
N ILE A 292 4.74 -30.30 -7.23
CA ILE A 292 6.05 -29.69 -7.00
C ILE A 292 6.74 -29.48 -8.33
N ASP A 293 6.67 -30.50 -9.22
CA ASP A 293 7.24 -30.47 -10.56
C ASP A 293 6.68 -29.30 -11.38
N LYS A 294 5.38 -29.00 -11.23
CA LYS A 294 4.70 -27.93 -11.95
C LYS A 294 5.00 -26.56 -11.36
N LEU A 295 5.43 -26.50 -10.08
CA LEU A 295 5.80 -25.27 -9.38
C LEU A 295 7.25 -24.90 -9.70
N LEU A 296 8.16 -25.91 -9.64
CA LEU A 296 9.58 -25.69 -9.96
C LEU A 296 9.86 -25.81 -11.47
N VAL A 297 9.06 -25.10 -12.25
CA VAL A 297 9.18 -25.02 -13.70
C VAL A 297 10.07 -23.81 -14.02
N LEU A 298 11.01 -24.01 -14.96
CA LEU A 298 11.95 -22.98 -15.37
C LEU A 298 11.30 -21.76 -15.99
N ASP A 299 10.51 -21.94 -17.07
CA ASP A 299 9.85 -20.84 -17.74
C ASP A 299 8.74 -20.29 -16.88
N PRO A 300 8.88 -19.04 -16.39
CA PRO A 300 7.84 -18.42 -15.55
C PRO A 300 6.44 -18.46 -16.14
N ALA A 301 6.37 -18.45 -17.48
CA ALA A 301 5.13 -18.48 -18.25
C ALA A 301 4.51 -19.87 -18.29
N GLN A 302 5.32 -20.93 -18.08
CA GLN A 302 4.84 -22.32 -18.05
C GLN A 302 4.65 -22.81 -16.61
N ARG A 303 5.12 -22.02 -15.63
CA ARG A 303 4.99 -22.32 -14.20
C ARG A 303 3.55 -22.12 -13.79
N ILE A 304 2.99 -23.14 -13.13
CA ILE A 304 1.62 -23.14 -12.63
C ILE A 304 1.30 -21.89 -11.78
N ASP A 305 0.05 -21.40 -11.86
CA ASP A 305 -0.33 -20.26 -11.04
C ASP A 305 -1.07 -20.76 -9.82
N SER A 306 -1.26 -19.88 -8.80
CA SER A 306 -1.95 -20.27 -7.56
C SER A 306 -3.32 -20.87 -7.82
N GLU A 307 -4.04 -20.31 -8.79
CA GLU A 307 -5.38 -20.74 -9.14
C GLU A 307 -5.41 -22.18 -9.60
N ASP A 308 -4.55 -22.51 -10.54
CA ASP A 308 -4.48 -23.85 -11.10
C ASP A 308 -3.89 -24.83 -10.12
N ALA A 309 -2.96 -24.35 -9.27
CA ALA A 309 -2.31 -25.15 -8.25
C ALA A 309 -3.34 -25.59 -7.23
N LEU A 310 -4.24 -24.67 -6.87
CA LEU A 310 -5.32 -24.98 -5.92
C LEU A 310 -6.29 -26.00 -6.46
N GLU A 311 -6.41 -26.08 -7.81
CA GLU A 311 -7.28 -27.00 -8.56
C GLU A 311 -6.69 -28.38 -8.68
N HIS A 312 -5.34 -28.47 -8.64
CA HIS A 312 -4.56 -29.71 -8.75
C HIS A 312 -5.14 -30.84 -7.86
N ASP A 313 -5.15 -32.05 -8.40
CA ASP A 313 -5.66 -33.27 -7.79
C ASP A 313 -5.10 -33.52 -6.40
N PHE A 314 -3.89 -33.00 -6.09
CA PHE A 314 -3.25 -33.09 -4.79
C PHE A 314 -4.18 -32.60 -3.69
N PHE A 315 -5.01 -31.57 -3.96
CA PHE A 315 -5.94 -31.04 -2.95
C PHE A 315 -7.32 -31.67 -3.00
N TRP A 316 -7.53 -32.56 -3.99
CA TRP A 316 -8.83 -33.13 -4.27
C TRP A 316 -8.85 -34.65 -4.37
N SER A 317 -7.85 -35.30 -3.76
CA SER A 317 -7.76 -36.76 -3.66
C SER A 317 -7.48 -37.14 -2.22
N ASP A 318 -7.74 -38.41 -1.87
CA ASP A 318 -7.54 -38.92 -0.53
C ASP A 318 -6.08 -39.16 -0.22
N PRO A 319 -5.62 -38.87 1.03
CA PRO A 319 -6.38 -38.30 2.15
C PRO A 319 -6.63 -36.82 1.89
N MET A 320 -7.88 -36.39 1.96
CA MET A 320 -8.23 -34.98 1.77
C MET A 320 -7.56 -34.05 2.83
N PRO A 321 -7.31 -32.74 2.49
CA PRO A 321 -6.64 -31.82 3.45
C PRO A 321 -7.32 -31.79 4.81
N SER A 322 -6.54 -31.82 5.91
CA SER A 322 -7.07 -31.84 7.28
C SER A 322 -6.51 -30.75 8.14
N ASP A 323 -7.22 -30.44 9.24
CA ASP A 323 -6.82 -29.39 10.18
C ASP A 323 -5.54 -29.67 10.93
N LEU A 324 -4.89 -28.58 11.38
CA LEU A 324 -3.60 -28.62 12.07
C LEU A 324 -3.77 -28.68 13.60
N LYS A 325 -3.28 -29.83 14.11
CA LYS A 325 -3.26 -30.41 15.47
C LYS A 325 -1.89 -31.13 15.67
N GLY A 326 -1.15 -31.31 14.57
CA GLY A 326 0.21 -31.81 14.50
C GLY A 326 1.14 -30.69 14.05
N MET A 327 1.53 -29.77 14.98
CA MET A 327 1.24 -29.79 16.44
C MET A 327 0.77 -28.42 17.05
N LEU A 328 0.41 -28.38 18.38
CA LEU A 328 0.51 -29.43 19.43
C LEU A 328 -0.56 -30.51 19.36
N ASN B 7 -12.06 3.47 11.42
CA ASN B 7 -13.52 3.43 11.29
C ASN B 7 -14.00 4.14 9.98
N ASN B 8 -15.20 3.71 9.49
CA ASN B 8 -15.85 4.23 8.26
C ASN B 8 -16.27 5.73 8.33
N LYS B 9 -16.76 6.18 9.54
CA LYS B 9 -17.26 7.54 9.85
C LYS B 9 -16.22 8.37 10.61
N ARG B 10 -14.99 7.85 10.72
CA ARG B 10 -13.95 8.54 11.46
C ARG B 10 -13.69 9.93 10.96
N TRP B 11 -13.51 10.05 9.64
CA TRP B 11 -13.17 11.32 9.01
C TRP B 11 -14.35 12.02 8.33
N TYR B 12 -15.59 11.69 8.75
CA TYR B 12 -16.81 12.37 8.29
C TYR B 12 -17.48 13.00 9.47
N PHE B 13 -17.80 14.29 9.31
CA PHE B 13 -18.29 15.10 10.41
C PHE B 13 -19.62 15.77 10.13
N THR B 14 -20.42 15.98 11.20
CA THR B 14 -21.69 16.69 11.12
C THR B 14 -21.36 18.17 11.08
N ARG B 15 -22.32 19.02 10.67
CA ARG B 15 -22.07 20.46 10.61
C ARG B 15 -21.78 21.02 12.00
N GLU B 16 -22.41 20.44 13.04
CA GLU B 16 -22.19 20.81 14.44
C GLU B 16 -20.75 20.42 14.86
N GLN B 17 -20.26 19.26 14.41
CA GLN B 17 -18.89 18.83 14.69
C GLN B 17 -17.92 19.78 13.99
N LEU B 18 -18.27 20.26 12.79
CA LEU B 18 -17.44 21.19 12.03
C LEU B 18 -17.43 22.55 12.67
N GLU B 19 -18.55 22.93 13.30
CA GLU B 19 -18.67 24.16 14.04
C GLU B 19 -17.75 24.09 15.27
N ASN B 20 -17.85 23.04 16.09
CA ASN B 20 -17.02 22.87 17.29
C ASN B 20 -15.67 22.24 16.97
N SER B 21 -14.90 22.91 16.10
CA SER B 21 -13.59 22.47 15.61
C SER B 21 -12.48 22.79 16.60
N PRO B 22 -11.29 22.16 16.47
CA PRO B 22 -10.17 22.51 17.36
C PRO B 22 -9.85 23.99 17.34
N SER B 23 -9.85 24.61 16.15
CA SER B 23 -9.57 26.04 15.98
C SER B 23 -10.61 26.91 16.69
N ARG B 24 -11.91 26.49 16.66
CA ARG B 24 -13.00 27.22 17.32
C ARG B 24 -12.72 27.29 18.81
N ALA B 25 -12.18 26.21 19.37
CA ALA B 25 -11.83 26.18 20.78
C ALA B 25 -10.81 27.26 21.15
N PHE B 26 -9.96 27.70 20.21
CA PHE B 26 -8.97 28.73 20.48
C PHE B 26 -9.34 30.10 19.89
N GLY B 27 -10.64 30.31 19.74
CA GLY B 27 -11.22 31.58 19.32
C GLY B 27 -11.16 31.94 17.85
N VAL B 28 -11.02 30.94 16.96
CA VAL B 28 -11.01 31.24 15.52
C VAL B 28 -12.46 31.19 15.05
N ASP B 29 -12.97 32.29 14.46
CA ASP B 29 -14.32 32.34 13.90
C ASP B 29 -14.50 31.31 12.80
N PRO B 30 -15.72 30.80 12.56
CA PRO B 30 -15.95 29.83 11.48
C PRO B 30 -15.46 30.29 10.12
N ASP B 31 -15.80 31.52 9.75
CA ASP B 31 -15.44 32.07 8.45
C ASP B 31 -13.95 32.28 8.28
N LYS B 32 -13.25 32.63 9.37
CA LYS B 32 -11.80 32.76 9.41
C LYS B 32 -11.17 31.38 9.16
N GLU B 33 -11.67 30.33 9.86
CA GLU B 33 -11.16 28.97 9.68
C GLU B 33 -11.33 28.49 8.24
N LEU B 34 -12.45 28.82 7.60
CA LEU B 34 -12.67 28.42 6.22
C LEU B 34 -11.61 29.08 5.36
N SER B 35 -11.28 30.37 5.65
CA SER B 35 -10.27 31.09 4.87
C SER B 35 -8.89 30.48 5.10
N TYR B 36 -8.58 30.10 6.35
CA TYR B 36 -7.31 29.46 6.65
C TYR B 36 -7.13 28.18 5.85
N ARG B 37 -8.24 27.44 5.66
CA ARG B 37 -8.27 26.22 4.85
C ARG B 37 -8.08 26.55 3.39
N GLN B 38 -8.79 27.58 2.87
CA GLN B 38 -8.67 27.97 1.47
C GLN B 38 -7.25 28.45 1.13
N GLN B 39 -6.59 29.17 2.09
CA GLN B 39 -5.23 29.66 1.89
C GLN B 39 -4.24 28.50 1.82
N ALA B 40 -4.43 27.50 2.68
CA ALA B 40 -3.59 26.31 2.69
C ALA B 40 -3.70 25.55 1.35
N ALA B 41 -4.94 25.37 0.85
CA ALA B 41 -5.19 24.68 -0.41
C ALA B 41 -4.53 25.44 -1.56
N ASN B 42 -4.57 26.79 -1.51
CA ASN B 42 -3.93 27.59 -2.56
C ASN B 42 -2.40 27.44 -2.51
N LEU B 43 -1.83 27.43 -1.29
CA LEU B 43 -0.37 27.25 -1.12
C LEU B 43 0.03 25.88 -1.63
N LEU B 44 -0.80 24.86 -1.35
CA LEU B 44 -0.52 23.52 -1.83
C LEU B 44 -0.56 23.46 -3.36
N GLN B 45 -1.52 24.15 -3.98
CA GLN B 45 -1.62 24.18 -5.42
C GLN B 45 -0.43 24.92 -6.03
N ASP B 46 -0.05 26.07 -5.42
CA ASP B 46 1.10 26.85 -5.91
C ASP B 46 2.39 26.06 -5.85
N MET B 47 2.69 25.45 -4.71
CA MET B 47 3.89 24.64 -4.55
C MET B 47 3.86 23.42 -5.45
N GLY B 48 2.70 22.77 -5.50
CA GLY B 48 2.54 21.55 -6.29
C GLY B 48 2.83 21.78 -7.75
N GLN B 49 2.37 22.95 -8.27
CA GLN B 49 2.58 23.32 -9.65
C GLN B 49 4.07 23.50 -9.91
N ARG B 50 4.74 24.22 -9.02
CA ARG B 50 6.17 24.49 -9.14
C ARG B 50 7.02 23.23 -9.02
N LEU B 51 6.55 22.25 -8.19
CA LEU B 51 7.29 21.00 -7.95
C LEU B 51 6.99 20.01 -9.05
N ASN B 52 6.01 20.36 -9.91
CA ASN B 52 5.55 19.49 -10.99
C ASN B 52 5.05 18.15 -10.50
N VAL B 53 4.22 18.18 -9.44
CA VAL B 53 3.54 16.99 -8.97
C VAL B 53 2.17 17.02 -9.66
N SER B 54 1.46 15.89 -9.64
CA SER B 54 0.12 15.79 -10.22
C SER B 54 -0.97 16.55 -9.42
N GLN B 55 -2.16 16.77 -10.05
CA GLN B 55 -3.28 17.37 -9.32
C GLN B 55 -3.73 16.36 -8.28
N LEU B 56 -3.63 15.06 -8.60
CA LEU B 56 -3.96 14.03 -7.64
C LEU B 56 -3.14 14.20 -6.37
N THR B 57 -1.82 14.43 -6.50
CA THR B 57 -0.96 14.61 -5.34
C THR B 57 -1.38 15.84 -4.55
N ILE B 58 -1.62 16.94 -5.25
CA ILE B 58 -2.08 18.17 -4.60
C ILE B 58 -3.41 17.93 -3.86
N ASN B 59 -4.34 17.23 -4.50
CA ASN B 59 -5.64 16.92 -3.94
C ASN B 59 -5.48 16.08 -2.66
N THR B 60 -4.62 15.06 -2.71
CA THR B 60 -4.35 14.23 -1.55
C THR B 60 -3.83 15.09 -0.41
N ALA B 61 -2.86 15.99 -0.69
CA ALA B 61 -2.32 16.89 0.34
C ALA B 61 -3.41 17.79 0.91
N ILE B 62 -4.38 18.24 0.09
CA ILE B 62 -5.48 19.08 0.56
C ILE B 62 -6.39 18.32 1.55
N VAL B 63 -6.65 17.02 1.29
CA VAL B 63 -7.47 16.21 2.19
C VAL B 63 -6.73 16.02 3.48
N TYR B 64 -5.40 15.80 3.41
CA TYR B 64 -4.59 15.67 4.62
C TYR B 64 -4.77 16.92 5.49
N MET B 65 -4.62 18.09 4.88
CA MET B 65 -4.76 19.37 5.54
C MET B 65 -6.13 19.50 6.18
N HIS B 66 -7.19 19.22 5.42
CA HIS B 66 -8.55 19.33 5.93
C HIS B 66 -8.74 18.49 7.16
N ARG B 67 -8.33 17.22 7.09
CA ARG B 67 -8.42 16.25 8.17
C ARG B 67 -7.55 16.66 9.34
N PHE B 68 -6.30 17.06 9.06
CA PHE B 68 -5.37 17.51 10.07
C PHE B 68 -6.00 18.58 10.98
N TYR B 69 -6.75 19.51 10.39
CA TYR B 69 -7.35 20.61 11.14
C TYR B 69 -8.70 20.28 11.79
N MET B 70 -9.14 19.01 11.71
CA MET B 70 -10.29 18.57 12.47
C MET B 70 -9.77 18.06 13.82
N ILE B 71 -8.45 17.94 13.93
CA ILE B 71 -7.77 17.45 15.14
C ILE B 71 -6.91 18.52 15.77
N GLN B 72 -6.15 19.24 14.94
CA GLN B 72 -5.27 20.29 15.42
C GLN B 72 -5.83 21.69 15.15
N SER B 73 -5.32 22.69 15.87
CA SER B 73 -5.77 24.05 15.72
C SER B 73 -4.85 24.89 14.84
N PHE B 74 -5.45 25.82 14.05
CA PHE B 74 -4.67 26.75 13.23
C PHE B 74 -3.83 27.66 14.15
N THR B 75 -4.29 27.85 15.38
CA THR B 75 -3.57 28.64 16.37
C THR B 75 -2.24 27.98 16.74
N ARG B 76 -2.17 26.64 16.78
CA ARG B 76 -0.93 25.93 17.12
C ARG B 76 -0.09 25.61 15.86
N PHE B 77 -0.75 25.21 14.78
CA PHE B 77 -0.09 24.83 13.55
C PHE B 77 -0.55 25.71 12.40
N PRO B 78 0.27 26.72 12.03
CA PRO B 78 -0.07 27.57 10.88
C PRO B 78 -0.12 26.81 9.56
N GLY B 79 -1.03 27.21 8.69
CA GLY B 79 -1.16 26.59 7.38
C GLY B 79 0.14 26.60 6.59
N ASN B 80 0.89 27.71 6.67
CA ASN B 80 2.16 27.87 5.96
C ASN B 80 3.26 26.91 6.41
N SER B 81 3.06 26.25 7.56
CA SER B 81 4.00 25.26 8.07
C SER B 81 3.52 23.85 7.73
N VAL B 82 2.21 23.61 7.86
CA VAL B 82 1.62 22.30 7.59
C VAL B 82 1.56 21.97 6.09
N ALA B 83 1.18 22.94 5.22
CA ALA B 83 1.08 22.74 3.77
C ALA B 83 2.34 22.09 3.15
N PRO B 84 3.57 22.67 3.37
CA PRO B 84 4.76 22.03 2.80
C PRO B 84 4.96 20.62 3.29
N ALA B 85 4.78 20.36 4.60
CA ALA B 85 4.91 19.00 5.13
C ALA B 85 3.84 18.05 4.53
N ALA B 86 2.56 18.50 4.44
CA ALA B 86 1.45 17.73 3.88
C ALA B 86 1.74 17.33 2.43
N LEU B 87 2.29 18.25 1.64
CA LEU B 87 2.62 18.02 0.24
C LEU B 87 3.82 17.08 0.11
N PHE B 88 4.84 17.28 0.94
CA PHE B 88 6.02 16.41 0.95
C PHE B 88 5.57 14.98 1.22
N LEU B 89 4.63 14.80 2.19
CA LEU B 89 4.11 13.49 2.52
C LEU B 89 3.29 12.91 1.38
N ALA B 90 2.34 13.70 0.84
CA ALA B 90 1.43 13.29 -0.23
C ALA B 90 2.19 12.87 -1.47
N ALA B 91 3.27 13.60 -1.86
CA ALA B 91 4.10 13.25 -3.01
C ALA B 91 4.72 11.87 -2.78
N LYS B 92 5.17 11.56 -1.54
CA LYS B 92 5.74 10.24 -1.25
C LYS B 92 4.65 9.21 -1.35
N VAL B 93 3.49 9.47 -0.70
CA VAL B 93 2.37 8.53 -0.70
C VAL B 93 1.86 8.21 -2.11
N GLU B 94 1.73 9.24 -2.94
CA GLU B 94 1.22 9.10 -4.28
C GLU B 94 2.24 8.69 -5.31
N GLY B 95 3.44 8.30 -4.83
CA GLY B 95 4.53 7.81 -5.69
C GLY B 95 5.17 8.80 -6.64
N GLN B 96 5.20 10.07 -6.26
CA GLN B 96 5.90 11.13 -6.97
C GLN B 96 6.81 11.76 -5.93
N PRO B 97 7.75 10.99 -5.30
CA PRO B 97 8.55 11.57 -4.23
C PRO B 97 9.38 12.72 -4.69
N LYS B 98 9.33 13.79 -3.88
CA LYS B 98 10.12 14.99 -4.09
C LYS B 98 11.08 15.09 -2.91
N LYS B 99 12.33 15.47 -3.19
CA LYS B 99 13.36 15.60 -2.17
C LYS B 99 13.03 16.69 -1.18
N LEU B 100 13.41 16.47 0.06
CA LEU B 100 13.19 17.37 1.19
C LEU B 100 13.74 18.78 0.89
N GLU B 101 15.02 18.87 0.43
CA GLU B 101 15.68 20.13 0.06
C GLU B 101 14.87 20.84 -1.01
N HIS B 102 14.36 20.06 -1.99
CA HIS B 102 13.54 20.56 -3.08
C HIS B 102 12.26 21.22 -2.60
N VAL B 103 11.49 20.51 -1.75
CA VAL B 103 10.23 21.02 -1.22
C VAL B 103 10.49 22.28 -0.40
N ILE B 104 11.57 22.28 0.36
CA ILE B 104 11.93 23.42 1.20
C ILE B 104 12.23 24.66 0.37
N ARG B 105 13.00 24.49 -0.72
CA ARG B 105 13.37 25.57 -1.62
C ARG B 105 12.09 26.21 -2.24
N VAL B 106 11.16 25.36 -2.72
CA VAL B 106 9.91 25.81 -3.35
C VAL B 106 8.98 26.48 -2.37
N ALA B 107 8.86 25.91 -1.16
CA ALA B 107 8.00 26.47 -0.12
C ALA B 107 8.49 27.88 0.20
N HIS B 108 9.82 28.03 0.30
CA HIS B 108 10.47 29.29 0.59
C HIS B 108 10.18 30.34 -0.46
N THR B 109 10.30 30.01 -1.76
CA THR B 109 10.02 31.01 -2.78
C THR B 109 8.55 31.41 -2.80
N CYS B 110 7.63 30.46 -2.49
CA CYS B 110 6.21 30.78 -2.49
C CYS B 110 5.88 31.71 -1.37
N LEU B 111 6.47 31.46 -0.20
CA LEU B 111 6.21 32.23 1.01
C LEU B 111 7.02 33.53 1.13
N HIS B 112 8.23 33.57 0.56
CA HIS B 112 9.12 34.72 0.66
C HIS B 112 9.77 35.03 -0.71
N PRO B 113 8.99 35.55 -1.67
CA PRO B 113 9.53 35.76 -3.02
C PRO B 113 10.74 36.68 -3.08
N GLN B 114 10.77 37.66 -2.17
CA GLN B 114 11.81 38.67 -2.15
C GLN B 114 13.00 38.29 -1.32
N GLU B 115 12.81 37.34 -0.40
CA GLU B 115 13.89 36.81 0.44
C GLU B 115 14.74 35.87 -0.40
N SER B 116 15.88 35.46 0.16
CA SER B 116 16.82 34.59 -0.51
C SER B 116 16.97 33.36 0.36
N LEU B 117 16.93 32.15 -0.25
CA LEU B 117 17.08 30.94 0.54
C LEU B 117 18.39 30.98 1.34
N PRO B 118 18.32 30.65 2.67
CA PRO B 118 19.55 30.61 3.47
C PRO B 118 20.57 29.64 2.91
N ASP B 119 21.79 29.74 3.39
CA ASP B 119 22.83 28.83 2.94
C ASP B 119 22.51 27.44 3.47
N THR B 120 22.54 26.45 2.59
CA THR B 120 22.23 25.06 2.98
C THR B 120 23.17 24.49 4.05
N ARG B 121 24.14 25.30 4.52
CA ARG B 121 25.10 24.96 5.57
C ARG B 121 24.74 25.66 6.89
N SER B 122 23.88 26.71 6.83
CA SER B 122 23.47 27.50 8.01
C SER B 122 22.64 26.72 8.99
N GLU B 123 22.67 27.16 10.26
CA GLU B 123 21.89 26.52 11.32
C GLU B 123 20.41 26.80 11.15
N ALA B 124 20.08 27.97 10.56
CA ALA B 124 18.72 28.39 10.28
C ALA B 124 18.07 27.52 9.19
N TYR B 125 18.87 27.07 8.21
CA TYR B 125 18.38 26.21 7.15
C TYR B 125 18.28 24.77 7.67
N LEU B 126 19.28 24.32 8.45
CA LEU B 126 19.28 22.97 9.00
C LEU B 126 18.05 22.77 9.87
N GLN B 127 17.63 23.87 10.53
CA GLN B 127 16.47 23.89 11.41
C GLN B 127 15.16 23.79 10.65
N GLN B 128 15.03 24.51 9.54
CA GLN B 128 13.76 24.44 8.79
C GLN B 128 13.59 23.09 8.10
N VAL B 129 14.72 22.42 7.81
CA VAL B 129 14.71 21.06 7.25
C VAL B 129 14.13 20.15 8.33
N GLN B 130 14.61 20.33 9.57
CA GLN B 130 14.16 19.54 10.70
C GLN B 130 12.71 19.82 11.06
N ASP B 131 12.25 21.07 10.90
CA ASP B 131 10.89 21.46 11.23
C ASP B 131 9.92 20.73 10.34
N LEU B 132 10.28 20.57 9.05
CA LEU B 132 9.42 19.87 8.07
C LEU B 132 9.25 18.40 8.46
N VAL B 133 10.38 17.72 8.71
CA VAL B 133 10.45 16.33 9.10
C VAL B 133 9.54 16.09 10.32
N ILE B 134 9.66 16.97 11.33
CA ILE B 134 8.90 16.90 12.57
C ILE B 134 7.41 17.03 12.30
N LEU B 135 7.08 17.96 11.41
CA LEU B 135 5.72 18.25 11.08
C LEU B 135 5.06 17.13 10.25
N GLU B 136 5.83 16.50 9.32
CA GLU B 136 5.37 15.35 8.54
C GLU B 136 4.95 14.24 9.51
N SER B 137 5.81 14.02 10.54
CA SER B 137 5.57 13.03 11.57
C SER B 137 4.26 13.33 12.36
N ILE B 138 4.04 14.61 12.69
CA ILE B 138 2.83 15.01 13.42
C ILE B 138 1.62 14.75 12.52
N ILE B 139 1.76 14.96 11.21
CA ILE B 139 0.66 14.73 10.28
C ILE B 139 0.32 13.22 10.24
N LEU B 140 1.35 12.37 10.03
CA LEU B 140 1.15 10.94 9.97
C LEU B 140 0.40 10.43 11.20
N GLN B 141 0.74 10.98 12.36
CA GLN B 141 0.16 10.56 13.62
C GLN B 141 -1.25 11.13 13.85
N THR B 142 -1.50 12.35 13.33
CA THR B 142 -2.81 12.97 13.47
C THR B 142 -3.82 12.16 12.67
N LEU B 143 -3.42 11.76 11.44
CA LEU B 143 -4.23 10.97 10.51
C LEU B 143 -4.28 9.50 10.89
N GLY B 144 -3.48 9.13 11.87
CA GLY B 144 -3.40 7.75 12.30
C GLY B 144 -2.99 6.85 11.16
N PHE B 145 -2.03 7.33 10.36
CA PHE B 145 -1.44 6.61 9.24
C PHE B 145 -2.45 6.11 8.15
N GLU B 146 -3.65 6.70 8.08
CA GLU B 146 -4.69 6.44 7.07
C GLU B 146 -4.43 7.50 6.04
N LEU B 147 -3.59 7.15 5.03
CA LEU B 147 -3.11 8.07 3.98
C LEU B 147 -3.66 7.79 2.60
N THR B 148 -4.38 6.66 2.46
CA THR B 148 -4.97 6.30 1.18
C THR B 148 -6.28 7.06 1.01
N ILE B 149 -6.29 8.04 0.09
CA ILE B 149 -7.42 8.93 -0.11
C ILE B 149 -8.24 8.59 -1.35
N ASP B 150 -9.57 8.55 -1.18
CA ASP B 150 -10.43 8.36 -2.33
C ASP B 150 -10.89 9.76 -2.70
N HIS B 151 -10.67 10.13 -3.98
CA HIS B 151 -11.06 11.46 -4.40
C HIS B 151 -12.32 11.28 -5.15
N PRO B 152 -13.11 12.33 -5.34
CA PRO B 152 -14.31 12.11 -6.13
C PRO B 152 -13.99 12.14 -7.62
N HIS B 153 -12.79 12.56 -8.07
CA HIS B 153 -12.46 12.57 -9.50
C HIS B 153 -12.60 11.16 -10.13
N THR B 154 -12.25 10.14 -9.33
CA THR B 154 -12.36 8.73 -9.70
C THR B 154 -13.81 8.40 -10.15
N HIS B 155 -14.76 8.85 -9.34
CA HIS B 155 -16.18 8.62 -9.53
C HIS B 155 -16.78 9.50 -10.60
N VAL B 156 -16.18 10.67 -10.86
CA VAL B 156 -16.69 11.56 -11.90
C VAL B 156 -16.47 10.88 -13.24
N VAL B 157 -15.21 10.51 -13.54
CA VAL B 157 -14.84 9.76 -14.73
C VAL B 157 -15.88 8.61 -14.98
N LYS B 158 -16.15 7.79 -13.94
CA LYS B 158 -17.09 6.68 -14.06
C LYS B 158 -18.47 7.15 -14.52
N CYS B 159 -18.99 8.15 -13.83
CA CYS B 159 -20.30 8.70 -14.10
C CYS B 159 -20.42 9.42 -15.45
N THR B 160 -19.53 10.37 -15.75
CA THR B 160 -19.57 11.14 -17.01
C THR B 160 -19.53 10.26 -18.25
N GLN B 161 -19.11 8.99 -18.10
CA GLN B 161 -19.11 8.01 -19.18
C GLN B 161 -20.44 7.30 -19.18
N LEU B 162 -20.87 6.84 -17.99
CA LEU B 162 -22.16 6.17 -17.81
C LEU B 162 -23.35 7.19 -17.86
N VAL B 163 -23.15 8.34 -18.55
CA VAL B 163 -24.09 9.45 -18.77
C VAL B 163 -23.87 9.98 -20.21
N ARG B 164 -22.78 9.51 -20.87
CA ARG B 164 -22.38 9.86 -22.24
C ARG B 164 -22.23 11.40 -22.40
N ALA B 165 -21.41 12.01 -21.53
CA ALA B 165 -21.21 13.46 -21.51
C ALA B 165 -20.16 13.91 -22.50
N SER B 166 -20.30 15.15 -23.03
CA SER B 166 -19.32 15.75 -23.94
C SER B 166 -17.99 15.87 -23.18
N LYS B 167 -16.86 16.04 -23.92
CA LYS B 167 -15.52 16.20 -23.29
C LYS B 167 -15.70 17.36 -22.32
N ASP B 168 -16.31 18.43 -22.85
CA ASP B 168 -16.67 19.65 -22.15
C ASP B 168 -17.36 19.41 -20.83
N LEU B 169 -18.46 18.64 -20.82
CA LEU B 169 -19.16 18.36 -19.55
C LEU B 169 -18.29 17.66 -18.56
N ALA B 170 -17.57 16.62 -19.01
CA ALA B 170 -16.68 15.87 -18.14
C ALA B 170 -15.57 16.75 -17.57
N GLN B 171 -14.96 17.60 -18.41
CA GLN B 171 -13.90 18.51 -18.00
C GLN B 171 -14.39 19.58 -17.01
N THR B 172 -15.62 20.07 -17.19
CA THR B 172 -16.23 21.01 -16.26
C THR B 172 -16.46 20.32 -14.89
N SER B 173 -16.82 19.04 -14.90
CA SER B 173 -17.09 18.29 -13.69
C SER B 173 -15.82 18.08 -12.87
N TYR B 174 -14.70 17.77 -13.56
CA TYR B 174 -13.42 17.57 -12.89
C TYR B 174 -13.02 18.85 -12.20
N PHE B 175 -13.27 19.98 -12.89
CA PHE B 175 -13.00 21.33 -12.40
C PHE B 175 -13.79 21.58 -11.11
N MET B 176 -15.06 21.18 -11.09
CA MET B 176 -15.93 21.33 -9.94
C MET B 176 -15.35 20.52 -8.80
N ALA B 177 -14.97 19.26 -9.09
CA ALA B 177 -14.38 18.37 -8.10
C ALA B 177 -13.12 18.97 -7.46
N THR B 178 -12.16 19.46 -8.28
CA THR B 178 -10.94 20.09 -7.76
C THR B 178 -11.24 21.30 -6.90
N ASN B 179 -12.14 22.16 -7.37
CA ASN B 179 -12.47 23.37 -6.64
C ASN B 179 -13.26 23.09 -5.36
N SER B 180 -14.01 21.98 -5.30
CA SER B 180 -14.73 21.62 -4.08
C SER B 180 -13.71 21.31 -2.95
N LEU B 181 -12.48 20.84 -3.30
CA LEU B 181 -11.42 20.61 -2.31
C LEU B 181 -10.83 21.93 -1.83
N HIS B 182 -10.58 22.86 -2.76
CA HIS B 182 -10.03 24.17 -2.40
C HIS B 182 -10.98 25.01 -1.61
N LEU B 183 -12.25 25.04 -2.02
CA LEU B 183 -13.21 26.02 -1.52
C LEU B 183 -14.19 25.53 -0.44
N THR B 184 -14.38 24.20 -0.27
CA THR B 184 -15.34 23.69 0.70
C THR B 184 -14.80 22.60 1.62
N THR B 185 -15.59 22.22 2.62
CA THR B 185 -15.23 21.13 3.50
C THR B 185 -16.04 19.90 3.13
N PHE B 186 -16.55 19.81 1.87
CA PHE B 186 -17.34 18.66 1.46
C PHE B 186 -16.60 17.35 1.71
N SER B 187 -15.26 17.38 1.58
CA SER B 187 -14.41 16.19 1.79
C SER B 187 -14.45 15.66 3.24
N LEU B 188 -14.85 16.55 4.18
CA LEU B 188 -15.01 16.16 5.58
C LEU B 188 -16.47 15.82 5.89
N GLN B 189 -17.39 15.95 4.91
CA GLN B 189 -18.80 15.72 5.18
C GLN B 189 -19.47 14.69 4.33
N TYR B 190 -19.13 14.67 3.04
CA TYR B 190 -19.79 13.77 2.09
C TYR B 190 -18.80 12.82 1.46
N THR B 191 -19.26 11.57 1.21
CA THR B 191 -18.43 10.55 0.57
C THR B 191 -18.05 11.00 -0.85
N PRO B 192 -16.87 10.59 -1.35
CA PRO B 192 -16.48 10.95 -2.71
C PRO B 192 -17.53 10.66 -3.81
N PRO B 193 -18.29 9.52 -3.79
CA PRO B 193 -19.32 9.30 -4.83
C PRO B 193 -20.42 10.35 -4.78
N VAL B 194 -20.75 10.84 -3.56
CA VAL B 194 -21.75 11.88 -3.36
C VAL B 194 -21.19 13.19 -3.88
N VAL B 195 -19.95 13.56 -3.47
CA VAL B 195 -19.34 14.80 -3.94
C VAL B 195 -19.26 14.79 -5.47
N ALA B 196 -19.00 13.60 -6.06
CA ALA B 196 -18.94 13.44 -7.53
C ALA B 196 -20.26 13.79 -8.15
N CYS B 197 -21.38 13.35 -7.54
CA CYS B 197 -22.75 13.65 -7.99
C CYS B 197 -23.00 15.16 -7.96
N VAL B 198 -22.58 15.83 -6.86
CA VAL B 198 -22.72 17.27 -6.69
C VAL B 198 -22.06 17.99 -7.85
N CYS B 199 -20.82 17.59 -8.20
CA CYS B 199 -20.02 18.17 -9.27
C CYS B 199 -20.65 18.00 -10.64
N ILE B 200 -21.10 16.76 -10.98
CA ILE B 200 -21.76 16.48 -12.24
C ILE B 200 -23.04 17.29 -12.35
N HIS B 201 -23.82 17.35 -11.26
CA HIS B 201 -25.06 18.11 -11.21
C HIS B 201 -24.83 19.57 -11.53
N LEU B 202 -23.90 20.24 -10.80
CA LEU B 202 -23.54 21.66 -11.05
C LEU B 202 -23.00 21.91 -12.46
N ALA B 203 -22.15 20.99 -12.95
CA ALA B 203 -21.60 21.12 -14.29
C ALA B 203 -22.72 21.11 -15.33
N CYS B 204 -23.73 20.27 -15.13
CA CYS B 204 -24.88 20.20 -16.01
C CYS B 204 -25.67 21.49 -15.97
N LYS B 205 -25.96 22.00 -14.77
CA LYS B 205 -26.66 23.26 -14.59
C LYS B 205 -25.92 24.43 -15.27
N TRP B 206 -24.60 24.49 -15.08
CA TRP B 206 -23.74 25.51 -15.67
C TRP B 206 -23.73 25.45 -17.21
N SER B 207 -23.72 24.24 -17.78
CA SER B 207 -23.64 23.98 -19.23
C SER B 207 -24.98 23.82 -19.89
N ASN B 208 -26.08 23.97 -19.13
CA ASN B 208 -27.45 23.75 -19.62
C ASN B 208 -27.58 22.39 -20.30
N TRP B 209 -26.99 21.37 -19.64
CA TRP B 209 -27.03 19.98 -20.08
C TRP B 209 -28.06 19.28 -19.21
N GLU B 210 -28.84 18.40 -19.83
CA GLU B 210 -29.82 17.61 -19.10
C GLU B 210 -29.57 16.15 -19.37
N ILE B 211 -29.36 15.38 -18.29
CA ILE B 211 -29.15 13.94 -18.41
C ILE B 211 -30.55 13.29 -18.36
N PRO B 212 -30.93 12.57 -19.44
CA PRO B 212 -32.27 11.96 -19.47
C PRO B 212 -32.45 10.79 -18.51
N VAL B 213 -33.71 10.61 -18.07
CA VAL B 213 -34.12 9.55 -17.15
C VAL B 213 -33.88 8.21 -17.81
N SER B 214 -33.34 7.24 -17.06
CA SER B 214 -33.09 5.88 -17.56
C SER B 214 -34.42 5.20 -17.91
N THR B 215 -34.35 4.16 -18.78
CA THR B 215 -35.52 3.38 -19.20
C THR B 215 -36.36 2.87 -18.01
N ASP B 216 -35.68 2.57 -16.89
CA ASP B 216 -36.22 2.04 -15.63
C ASP B 216 -37.00 3.11 -14.86
N GLY B 217 -36.72 4.38 -15.14
CA GLY B 217 -37.32 5.52 -14.45
C GLY B 217 -36.38 6.04 -13.37
N LYS B 218 -35.14 5.55 -13.39
CA LYS B 218 -34.12 5.95 -12.42
C LYS B 218 -33.31 7.17 -12.92
N HIS B 219 -33.03 8.10 -12.00
CA HIS B 219 -32.20 9.27 -12.27
C HIS B 219 -30.73 8.79 -12.25
N TRP B 220 -29.86 9.46 -13.01
CA TRP B 220 -28.45 9.10 -13.18
C TRP B 220 -27.68 8.84 -11.89
N TRP B 221 -27.89 9.69 -10.89
CA TRP B 221 -27.20 9.63 -9.61
C TRP B 221 -27.50 8.37 -8.80
N GLU B 222 -28.68 7.75 -9.02
CA GLU B 222 -29.10 6.53 -8.34
C GLU B 222 -28.20 5.38 -8.71
N TYR B 223 -27.51 5.48 -9.85
CA TYR B 223 -26.57 4.47 -10.31
C TYR B 223 -25.18 4.73 -9.74
N VAL B 224 -24.98 5.89 -9.10
CA VAL B 224 -23.70 6.31 -8.52
C VAL B 224 -23.64 6.13 -6.99
N ASP B 225 -24.73 6.50 -6.31
CA ASP B 225 -24.83 6.41 -4.85
C ASP B 225 -26.30 6.38 -4.43
N ALA B 226 -26.65 5.31 -3.69
CA ALA B 226 -28.00 5.02 -3.24
C ALA B 226 -28.58 6.04 -2.26
N THR B 227 -27.71 6.63 -1.43
CA THR B 227 -28.09 7.63 -0.42
C THR B 227 -28.53 8.97 -1.04
N VAL B 228 -27.92 9.34 -2.18
CA VAL B 228 -28.12 10.60 -2.88
C VAL B 228 -29.57 10.90 -3.24
N THR B 229 -30.01 12.15 -2.93
CA THR B 229 -31.31 12.73 -3.24
C THR B 229 -31.17 14.07 -3.99
N LEU B 230 -32.13 14.39 -4.87
CA LEU B 230 -32.13 15.65 -5.63
C LEU B 230 -32.15 16.89 -4.72
N GLU B 231 -32.79 16.78 -3.57
CA GLU B 231 -32.92 17.83 -2.56
C GLU B 231 -31.53 18.20 -2.08
N LEU B 232 -30.74 17.19 -1.72
CA LEU B 232 -29.37 17.36 -1.26
C LEU B 232 -28.49 17.93 -2.38
N LEU B 233 -28.58 17.34 -3.59
CA LEU B 233 -27.85 17.79 -4.76
C LEU B 233 -28.06 19.28 -5.01
N ASP B 234 -29.29 19.74 -4.95
CA ASP B 234 -29.60 21.15 -5.18
C ASP B 234 -29.05 22.04 -4.06
N GLU B 235 -29.09 21.56 -2.82
CA GLU B 235 -28.59 22.28 -1.66
C GLU B 235 -27.07 22.47 -1.77
N LEU B 236 -26.38 21.37 -2.13
CA LEU B 236 -24.92 21.35 -2.22
C LEU B 236 -24.39 22.09 -3.45
N THR B 237 -25.08 21.99 -4.61
CA THR B 237 -24.68 22.71 -5.83
C THR B 237 -24.80 24.21 -5.60
N HIS B 238 -25.83 24.62 -4.87
CA HIS B 238 -26.02 26.04 -4.58
C HIS B 238 -24.88 26.59 -3.69
N GLU B 239 -24.50 25.83 -2.66
CA GLU B 239 -23.39 26.18 -1.76
C GLU B 239 -22.08 26.35 -2.55
N LEU B 240 -21.73 25.33 -3.36
CA LEU B 240 -20.55 25.29 -4.21
C LEU B 240 -20.56 26.44 -5.22
N LEU B 241 -21.71 26.66 -5.89
CA LEU B 241 -21.79 27.77 -6.84
C LEU B 241 -21.54 29.13 -6.19
N GLN B 242 -22.07 29.34 -4.98
CA GLN B 242 -21.89 30.62 -4.31
C GLN B 242 -20.43 30.89 -4.00
N ILE B 243 -19.68 29.87 -3.49
CA ILE B 243 -18.26 30.08 -3.16
C ILE B 243 -17.48 30.32 -4.47
N LEU B 244 -17.88 29.64 -5.56
CA LEU B 244 -17.25 29.80 -6.87
C LEU B 244 -17.45 31.23 -7.42
N GLU B 245 -18.63 31.84 -7.19
CA GLU B 245 -18.91 33.21 -7.62
C GLU B 245 -18.08 34.23 -6.86
N LYS B 246 -17.65 33.85 -5.65
CA LYS B 246 -16.87 34.70 -4.76
C LYS B 246 -15.40 34.65 -5.12
N THR B 247 -14.98 33.59 -5.89
CA THR B 247 -13.60 33.31 -6.30
C THR B 247 -13.22 33.93 -7.63
N PRO B 248 -12.52 35.08 -7.59
CA PRO B 248 -12.22 35.80 -8.83
C PRO B 248 -11.44 35.00 -9.85
N ASN B 249 -11.94 35.05 -11.08
CA ASN B 249 -11.36 34.42 -12.28
C ASN B 249 -11.50 32.91 -12.32
N ARG B 250 -11.98 32.30 -11.26
CA ARG B 250 -12.20 30.85 -11.21
C ARG B 250 -13.29 30.42 -12.21
N LEU B 251 -14.49 31.06 -12.17
CA LEU B 251 -15.58 30.73 -13.08
C LEU B 251 -15.24 31.07 -14.53
N LYS B 252 -14.34 32.08 -14.77
CA LYS B 252 -13.87 32.44 -16.11
C LYS B 252 -13.35 31.22 -16.82
N ARG B 253 -12.59 30.36 -16.06
CA ARG B 253 -11.99 29.13 -16.56
C ARG B 253 -13.02 28.26 -17.25
N ILE B 254 -14.27 28.20 -16.75
CA ILE B 254 -15.28 27.33 -17.33
C ILE B 254 -16.37 28.07 -18.12
N TRP B 255 -16.21 29.38 -18.28
CA TRP B 255 -17.22 30.21 -18.90
C TRP B 255 -17.26 30.11 -20.39
N ASN B 256 -18.44 29.73 -20.88
CA ASN B 256 -18.69 29.60 -22.31
C ASN B 256 -19.15 30.94 -22.81
N TRP B 257 -18.28 31.53 -23.57
CA TRP B 257 -18.44 32.86 -24.10
C TRP B 257 -19.18 32.94 -25.44
N ARG B 258 -19.48 31.80 -26.04
CA ARG B 258 -20.11 31.75 -27.36
C ARG B 258 -21.62 32.03 -27.22
C1 Q6E C . 9.83 -15.79 21.65
C2 Q6E C . 8.79 -16.42 20.77
C7 Q6E C . 8.07 -18.96 16.64
C8 Q6E C . 7.62 -17.88 15.67
C9 Q6E C . 6.98 -16.69 16.39
C10 Q6E C . 7.87 -16.18 17.53
C11 Q6E C . 6.82 -15.51 15.48
C14 Q6E C . 5.18 -13.76 14.90
C15 Q6E C . 6.04 -12.99 14.14
C16 Q6E C . 5.53 -11.94 13.39
C20 Q6E C . 6.46 -11.10 12.57
C21 Q6E C . 6.44 -9.73 12.29
N23 Q6E C . 8.08 -10.53 11.24
C24 Q6E C . 7.55 -11.59 11.88
C27 Q6E C . 9.44 -10.78 10.77
O3 Q6E C . 7.63 -16.65 21.16
N4 Q6E C . 9.20 -16.74 19.52
C5 Q6E C . 8.32 -17.28 18.48
C6 Q6E C . 9.01 -18.39 17.70
O12 Q6E C . 7.73 -15.14 14.73
N13 Q6E C . 5.63 -14.88 15.60
C17 Q6E C . 4.16 -11.72 13.46
C18 Q6E C . 3.37 -12.51 14.27
N19 Q6E C . 3.87 -13.53 15.00
CL Q6E C . 3.39 -10.49 12.52
N22 Q6E C . 7.43 -9.37 11.48
C25 Q6E C . 8.53 -12.71 11.90
C26 Q6E C . 9.44 -12.32 10.71
C28 Q6E C . 10.84 -12.88 10.88
C29 Q6E C . 8.85 -12.80 9.37
C TRS D . -7.07 24.89 -10.07
C1 TRS D . -8.41 25.51 -10.47
C2 TRS D . -6.77 25.17 -8.58
C3 TRS D . -5.92 25.39 -10.96
N TRS D . -7.19 23.40 -10.23
O1 TRS D . -9.15 24.72 -11.39
O2 TRS D . -7.14 26.48 -8.19
O3 TRS D . -5.65 24.52 -12.05
P PO4 E . 13.19 15.52 -7.00
O1 PO4 E . 12.91 16.42 -5.76
O2 PO4 E . 14.74 15.71 -7.36
O3 PO4 E . 12.87 14.00 -6.64
O4 PO4 E . 12.27 15.91 -8.25
#